data_6STP
#
_entry.id   6STP
#
_cell.length_a   127.210
_cell.length_b   127.210
_cell.length_c   45.370
_cell.angle_alpha   90.000
_cell.angle_beta   90.000
_cell.angle_gamma   120.000
#
_symmetry.space_group_name_H-M   'P 65'
#
loop_
_entity.id
_entity.type
_entity.pdbx_description
1 polymer 'Arundo donax Lectin (ADL)'
2 non-polymer 'N-acetyl-alpha-neuraminic acid'
3 non-polymer GLYCEROL
4 water water
#
_entity_poly.entity_id   1
_entity_poly.type   'polypeptide(L)'
_entity_poly.pdbx_seq_one_letter_code
;AYECGKQGGGALCPNNKCCSRYGYCGFGPAYCGTGCQSGGCCPGKRCGDQANGETCPNNLCCSEDGYCGFGSEYCGAGCQ
GGPCRADKLCGTLAGGQLCPDNLCCSQWGFCGLGVEFCGDGCQSGACCSMRCGRQADGAKCTNNYCCGASGYCGLGGDYC
GAGCQSGPCT
;
_entity_poly.pdbx_strand_id   A,B
#
# COMPACT_ATOMS: atom_id res chain seq x y z
N ALA A 1 -14.01 -10.59 13.38
CA ALA A 1 -14.12 -11.27 12.06
C ALA A 1 -13.73 -10.33 10.92
N TYR A 2 -13.89 -9.03 11.15
CA TYR A 2 -13.56 -8.02 10.14
C TYR A 2 -12.08 -8.07 9.79
N GLU A 3 -11.75 -7.56 8.62
CA GLU A 3 -10.40 -7.67 8.12
C GLU A 3 -9.77 -6.31 7.94
N CYS A 4 -10.59 -5.32 7.59
CA CYS A 4 -10.05 -4.08 7.07
C CYS A 4 -10.96 -2.87 7.30
N GLY A 5 -10.41 -1.69 7.10
CA GLY A 5 -11.21 -0.47 7.08
C GLY A 5 -11.69 -0.07 8.45
N LYS A 6 -12.79 0.69 8.49
CA LYS A 6 -13.25 1.30 9.74
C LYS A 6 -13.67 0.23 10.74
N GLN A 7 -14.05 -0.94 10.24
CA GLN A 7 -14.47 -2.04 11.11
C GLN A 7 -13.27 -2.83 11.61
N GLY A 8 -12.15 -2.72 10.90
CA GLY A 8 -11.00 -3.56 11.16
C GLY A 8 -9.80 -2.78 11.64
N GLY A 9 -10.07 -1.70 12.37
CA GLY A 9 -9.02 -0.91 13.01
C GLY A 9 -8.14 -0.19 12.01
N GLY A 10 -8.69 0.08 10.83
CA GLY A 10 -8.01 0.89 9.83
C GLY A 10 -7.06 0.08 8.95
N ALA A 11 -7.01 -1.22 9.17
CA ALA A 11 -6.13 -2.11 8.43
C ALA A 11 -6.37 -2.03 6.91
N LEU A 12 -5.33 -2.31 6.14
CA LEU A 12 -5.45 -2.45 4.70
C LEU A 12 -5.39 -3.92 4.30
N CYS A 13 -5.97 -4.23 3.14
CA CYS A 13 -5.84 -5.55 2.55
C CYS A 13 -4.55 -5.66 1.78
N PRO A 14 -4.01 -6.88 1.66
CA PRO A 14 -2.80 -7.11 0.88
C PRO A 14 -3.07 -7.23 -0.63
N ASN A 15 -2.07 -6.83 -1.41
CA ASN A 15 -2.05 -7.07 -2.85
C ASN A 15 -3.21 -6.36 -3.54
N ASN A 16 -3.54 -5.18 -3.02
CA ASN A 16 -4.49 -4.27 -3.65
C ASN A 16 -5.92 -4.75 -3.56
N LYS A 17 -6.18 -5.73 -2.70
CA LYS A 17 -7.54 -6.16 -2.49
C LYS A 17 -8.36 -5.01 -1.92
N CYS A 18 -9.58 -4.87 -2.44
CA CYS A 18 -10.48 -3.83 -1.99
C CYS A 18 -11.07 -4.17 -0.64
N CYS A 19 -11.18 -3.16 0.21
CA CYS A 19 -11.93 -3.29 1.43
C CYS A 19 -13.37 -2.86 1.22
N SER A 20 -14.29 -3.81 1.39
CA SER A 20 -15.68 -3.53 1.14
C SER A 20 -16.20 -2.55 2.16
N ARG A 21 -17.42 -2.07 1.92
CA ARG A 21 -18.08 -1.17 2.83
C ARG A 21 -18.36 -1.84 4.18
N TYR A 22 -18.23 -3.17 4.23
CA TYR A 22 -18.53 -3.93 5.45
C TYR A 22 -17.27 -4.38 6.18
N GLY A 23 -16.10 -4.09 5.60
CA GLY A 23 -14.83 -4.36 6.26
C GLY A 23 -14.29 -5.75 5.98
N TYR A 24 -14.46 -6.20 4.74
CA TYR A 24 -13.83 -7.43 4.29
C TYR A 24 -13.06 -7.21 2.98
N CYS A 25 -12.09 -8.09 2.73
CA CYS A 25 -11.18 -7.94 1.59
C CYS A 25 -11.62 -8.80 0.41
N GLY A 26 -11.47 -8.26 -0.80
CA GLY A 26 -11.80 -9.01 -1.99
C GLY A 26 -11.73 -8.17 -3.25
N PHE A 27 -12.16 -8.76 -4.37
CA PHE A 27 -12.27 -8.03 -5.63
C PHE A 27 -13.68 -8.20 -6.20
N GLY A 28 -13.99 -7.38 -7.20
CA GLY A 28 -15.32 -7.39 -7.79
C GLY A 28 -16.16 -6.27 -7.21
N PRO A 29 -17.36 -6.09 -7.79
CA PRO A 29 -18.17 -4.93 -7.44
C PRO A 29 -18.53 -4.85 -5.96
N ALA A 30 -18.71 -5.99 -5.30
CA ALA A 30 -19.12 -6.00 -3.90
C ALA A 30 -18.05 -5.40 -2.99
N TYR A 31 -16.79 -5.42 -3.43
CA TYR A 31 -15.69 -4.94 -2.62
C TYR A 31 -15.20 -3.60 -3.13
N CYS A 32 -15.03 -3.51 -4.44
CA CYS A 32 -14.32 -2.38 -5.06
C CYS A 32 -15.27 -1.27 -5.46
N GLY A 33 -16.56 -1.58 -5.53
CA GLY A 33 -17.55 -0.61 -5.97
C GLY A 33 -18.03 0.26 -4.83
N THR A 34 -19.33 0.59 -4.87
CA THR A 34 -19.90 1.49 -3.89
C THR A 34 -19.44 1.14 -2.48
N GLY A 35 -18.88 2.12 -1.77
CA GLY A 35 -18.51 1.94 -0.37
C GLY A 35 -17.07 1.50 -0.14
N CYS A 36 -16.38 1.16 -1.22
CA CYS A 36 -15.00 0.67 -1.14
C CYS A 36 -14.16 1.62 -0.27
N GLN A 37 -13.42 1.07 0.69
CA GLN A 37 -12.70 1.89 1.67
C GLN A 37 -11.22 2.07 1.30
N SER A 38 -10.67 1.11 0.57
CA SER A 38 -9.25 1.08 0.28
C SER A 38 -8.98 -0.01 -0.74
N GLY A 39 -7.74 -0.09 -1.19
CA GLY A 39 -7.36 -1.04 -2.23
C GLY A 39 -7.68 -0.50 -3.60
N GLY A 40 -7.83 -1.40 -4.57
CA GLY A 40 -8.07 -1.00 -5.96
C GLY A 40 -9.54 -0.70 -6.23
N CYS A 41 -10.08 0.30 -5.55
CA CYS A 41 -11.47 0.64 -5.71
C CYS A 41 -11.74 1.04 -7.16
N CYS A 42 -12.96 0.78 -7.60
CA CYS A 42 -13.39 1.20 -8.92
C CYS A 42 -14.77 1.84 -8.82
N PRO A 43 -14.86 3.15 -9.06
CA PRO A 43 -13.74 4.00 -9.41
C PRO A 43 -12.82 4.21 -8.22
N GLY A 44 -11.63 4.71 -8.49
CA GLY A 44 -10.70 4.98 -7.43
C GLY A 44 -11.33 5.91 -6.42
N LYS A 45 -10.89 5.80 -5.17
CA LYS A 45 -11.31 6.73 -4.12
C LYS A 45 -10.96 8.14 -4.51
N ARG A 46 -11.70 9.10 -3.98
CA ARG A 46 -11.37 10.51 -4.20
C ARG A 46 -10.23 10.91 -3.27
N CYS A 47 -9.39 11.82 -3.75
CA CYS A 47 -8.15 12.12 -3.09
C CYS A 47 -7.70 13.54 -3.43
N GLY A 48 -6.73 14.04 -2.66
CA GLY A 48 -6.14 15.36 -2.93
C GLY A 48 -7.14 16.49 -2.78
N ASP A 49 -7.08 17.44 -3.70
CA ASP A 49 -7.91 18.64 -3.61
C ASP A 49 -9.38 18.27 -3.66
N GLN A 50 -9.68 17.07 -4.14
CA GLN A 50 -11.04 16.66 -4.38
C GLN A 50 -11.58 15.83 -3.21
N ALA A 51 -10.79 15.75 -2.13
CA ALA A 51 -11.23 15.05 -0.92
C ALA A 51 -10.54 15.63 0.33
N ASN A 52 -10.47 16.95 0.39
CA ASN A 52 -9.98 17.65 1.59
C ASN A 52 -8.54 17.24 1.94
N GLY A 53 -7.74 16.93 0.91
CA GLY A 53 -6.32 16.65 1.10
C GLY A 53 -6.02 15.20 1.46
N GLU A 54 -7.06 14.37 1.54
CA GLU A 54 -6.88 12.96 1.86
C GLU A 54 -5.99 12.27 0.83
N THR A 55 -5.03 11.49 1.31
CA THR A 55 -4.15 10.74 0.42
C THR A 55 -4.78 9.41 0.07
N CYS A 56 -4.30 8.79 -0.99
CA CYS A 56 -4.81 7.48 -1.39
C CYS A 56 -4.32 6.41 -0.44
N PRO A 57 -5.22 5.49 -0.07
CA PRO A 57 -4.75 4.33 0.69
C PRO A 57 -3.90 3.38 -0.16
N ASN A 58 -3.06 2.60 0.50
CA ASN A 58 -2.24 1.56 -0.16
C ASN A 58 -1.20 2.17 -1.10
N ASN A 59 -0.83 3.43 -0.86
CA ASN A 59 0.16 4.13 -1.68
C ASN A 59 -0.25 4.15 -3.16
N LEU A 60 -1.53 4.31 -3.42
CA LEU A 60 -1.96 4.58 -4.79
C LEU A 60 -1.67 6.03 -5.13
N CYS A 61 -1.54 6.29 -6.43
CA CYS A 61 -1.33 7.64 -6.92
C CYS A 61 -2.65 8.38 -7.03
N CYS A 62 -2.62 9.66 -6.66
CA CYS A 62 -3.76 10.53 -6.80
C CYS A 62 -3.64 11.32 -8.09
N SER A 63 -4.54 11.04 -9.03
CA SER A 63 -4.49 11.66 -10.35
C SER A 63 -4.73 13.15 -10.31
N GLU A 64 -4.45 13.82 -11.42
CA GLU A 64 -4.74 15.25 -11.58
C GLU A 64 -6.22 15.50 -11.33
N ASP A 65 -7.01 14.47 -11.61
CA ASP A 65 -8.47 14.51 -11.47
C ASP A 65 -8.95 14.26 -10.02
N GLY A 66 -8.05 13.76 -9.19
CA GLY A 66 -8.40 13.43 -7.80
C GLY A 66 -9.03 12.07 -7.63
N TYR A 67 -8.57 11.09 -8.41
CA TYR A 67 -8.93 9.70 -8.20
C TYR A 67 -7.69 8.88 -7.91
N CYS A 68 -7.86 7.83 -7.11
CA CYS A 68 -6.76 6.94 -6.78
C CYS A 68 -6.59 5.83 -7.79
N GLY A 69 -5.35 5.60 -8.20
CA GLY A 69 -5.04 4.57 -9.16
C GLY A 69 -3.56 4.40 -9.41
N PHE A 70 -3.23 3.64 -10.45
CA PHE A 70 -1.86 3.46 -10.89
C PHE A 70 -1.83 3.56 -12.40
N GLY A 71 -0.63 3.77 -12.95
CA GLY A 71 -0.47 4.00 -14.38
C GLY A 71 -0.17 5.45 -14.68
N SER A 72 0.14 5.74 -15.94
CA SER A 72 0.61 7.07 -16.31
C SER A 72 -0.47 8.12 -16.04
N GLU A 73 -1.73 7.72 -16.19
CA GLU A 73 -2.85 8.63 -15.97
C GLU A 73 -2.94 9.09 -14.51
N TYR A 74 -2.37 8.30 -13.60
CA TYR A 74 -2.49 8.57 -12.17
C TYR A 74 -1.18 9.05 -11.55
N CYS A 75 -0.08 8.42 -11.92
CA CYS A 75 1.22 8.74 -11.31
C CYS A 75 2.02 9.76 -12.13
N GLY A 76 1.69 9.89 -13.40
CA GLY A 76 2.44 10.76 -14.30
C GLY A 76 2.01 12.21 -14.19
N ALA A 77 1.88 12.86 -15.34
CA ALA A 77 1.59 14.29 -15.37
C ALA A 77 0.37 14.63 -14.53
N GLY A 78 0.55 15.58 -13.62
CA GLY A 78 -0.58 16.08 -12.80
C GLY A 78 -0.82 15.27 -11.53
N CYS A 79 -0.04 14.23 -11.32
CA CYS A 79 -0.15 13.43 -10.09
C CYS A 79 0.01 14.34 -8.88
N GLN A 80 -0.88 14.22 -7.90
CA GLN A 80 -0.84 15.10 -6.75
C GLN A 80 -0.58 14.39 -5.42
N GLY A 81 -0.37 13.08 -5.48
CA GLY A 81 -0.06 12.32 -4.29
C GLY A 81 0.33 10.89 -4.58
N GLY A 82 0.86 10.21 -3.57
CA GLY A 82 1.34 8.87 -3.75
C GLY A 82 2.67 8.84 -4.50
N PRO A 83 3.03 7.68 -5.03
CA PRO A 83 4.30 7.50 -5.73
C PRO A 83 4.28 8.10 -7.14
N CYS A 84 3.98 9.39 -7.23
CA CYS A 84 4.11 10.11 -8.48
C CYS A 84 5.46 9.83 -9.10
N ARG A 85 5.54 9.99 -10.41
CA ARG A 85 6.79 9.76 -11.14
C ARG A 85 7.78 10.88 -10.92
N ALA A 86 7.27 12.06 -10.58
CA ALA A 86 8.13 13.20 -10.29
C ALA A 86 8.80 12.99 -8.94
N ASP A 87 10.02 13.47 -8.81
CA ASP A 87 10.65 13.52 -7.50
C ASP A 87 9.83 14.39 -6.57
N LYS A 88 9.79 14.02 -5.30
CA LYS A 88 8.96 14.71 -4.31
C LYS A 88 9.85 15.40 -3.28
N LEU A 89 9.78 16.73 -3.25
CA LEU A 89 10.65 17.52 -2.38
C LEU A 89 10.05 17.70 -1.00
N CYS A 90 10.91 17.93 -0.02
CA CYS A 90 10.48 18.04 1.37
C CYS A 90 11.48 18.84 2.18
N GLY A 91 11.05 19.25 3.37
CA GLY A 91 11.92 19.97 4.29
C GLY A 91 11.21 20.34 5.59
N GLN A 97 7.31 21.49 5.03
CA GLN A 97 6.63 20.53 4.15
C GLN A 97 7.11 19.09 4.42
N LEU A 98 6.52 18.46 5.41
CA LEU A 98 6.79 17.04 5.70
C LEU A 98 6.31 16.18 4.54
N CYS A 99 6.97 15.04 4.34
CA CYS A 99 6.49 14.07 3.36
C CYS A 99 5.14 13.52 3.78
N PRO A 100 4.25 13.30 2.82
CA PRO A 100 2.98 12.68 3.14
C PRO A 100 3.16 11.23 3.58
N ASP A 101 2.19 10.72 4.33
CA ASP A 101 2.09 9.29 4.64
C ASP A 101 3.40 8.74 5.16
N ASN A 102 4.01 9.49 6.08
CA ASN A 102 5.15 9.04 6.85
C ASN A 102 6.38 8.68 6.01
N LEU A 103 6.44 9.18 4.78
CA LEU A 103 7.65 8.98 4.00
C LEU A 103 8.81 9.75 4.63
N CYS A 104 10.00 9.19 4.49
CA CYS A 104 11.19 9.82 5.02
C CYS A 104 11.65 10.95 4.13
N CYS A 105 11.95 12.08 4.77
CA CYS A 105 12.63 13.18 4.07
C CYS A 105 14.13 13.04 4.22
N SER A 106 14.81 12.76 3.11
CA SER A 106 16.24 12.46 3.15
C SER A 106 17.00 13.71 3.58
N GLN A 107 18.29 13.53 3.82
CA GLN A 107 19.15 14.66 4.14
C GLN A 107 19.18 15.68 3.01
N TRP A 108 18.90 15.23 1.78
CA TRP A 108 19.00 16.08 0.61
C TRP A 108 17.64 16.70 0.22
N GLY A 109 16.61 16.37 0.98
CA GLY A 109 15.29 16.99 0.80
C GLY A 109 14.44 16.33 -0.27
N PHE A 110 14.52 15.01 -0.35
CA PHE A 110 13.60 14.23 -1.19
C PHE A 110 12.87 13.21 -0.35
N CYS A 111 11.63 12.94 -0.71
CA CYS A 111 10.80 11.95 -0.02
C CYS A 111 11.05 10.56 -0.57
N GLY A 112 11.03 9.58 0.32
CA GLY A 112 11.14 8.18 -0.06
C GLY A 112 11.12 7.24 1.13
N LEU A 113 11.40 5.98 0.87
CA LEU A 113 11.55 4.97 1.91
C LEU A 113 12.73 4.10 1.53
N GLY A 114 13.26 3.38 2.51
CA GLY A 114 14.54 2.70 2.36
C GLY A 114 15.67 3.50 3.00
N VAL A 115 16.84 2.89 3.12
CA VAL A 115 17.92 3.44 3.94
C VAL A 115 18.45 4.77 3.40
N GLU A 116 18.41 4.95 2.08
CA GLU A 116 18.93 6.19 1.47
C GLU A 116 18.13 7.39 1.96
N PHE A 117 16.87 7.16 2.31
CA PHE A 117 16.00 8.22 2.79
C PHE A 117 15.90 8.20 4.31
N CYS A 118 15.68 7.02 4.86
CA CYS A 118 15.30 6.88 6.25
C CYS A 118 16.51 6.70 7.18
N GLY A 119 17.65 6.36 6.58
CA GLY A 119 18.86 6.09 7.34
C GLY A 119 19.61 7.37 7.72
N ASP A 120 20.93 7.31 7.61
CA ASP A 120 21.77 8.44 7.97
C ASP A 120 21.29 9.74 7.31
N GLY A 121 21.06 10.75 8.12
CA GLY A 121 20.71 12.07 7.62
C GLY A 121 19.21 12.29 7.49
N CYS A 122 18.44 11.24 7.70
CA CYS A 122 16.99 11.37 7.66
C CYS A 122 16.54 12.54 8.51
N GLN A 123 15.71 13.41 7.92
CA GLN A 123 15.23 14.61 8.62
C GLN A 123 13.97 14.30 9.42
N SER A 124 13.07 13.56 8.79
CA SER A 124 11.72 13.42 9.29
C SER A 124 11.03 12.25 8.59
N GLY A 125 9.80 11.96 9.01
CA GLY A 125 9.12 10.75 8.57
C GLY A 125 9.58 9.51 9.32
N ALA A 126 9.50 8.37 8.65
CA ALA A 126 9.76 7.08 9.28
C ALA A 126 11.27 6.79 9.34
N CYS A 127 12.01 7.67 10.00
CA CYS A 127 13.45 7.52 10.06
C CYS A 127 13.81 6.23 10.81
N CYS A 128 14.90 5.60 10.39
CA CYS A 128 15.36 4.34 10.98
C CYS A 128 15.66 4.50 12.46
N SER A 129 16.42 5.54 12.80
CA SER A 129 16.99 5.65 14.14
C SER A 129 17.22 7.11 14.50
N MET A 130 16.16 7.76 14.97
CA MET A 130 16.24 9.17 15.33
C MET A 130 16.15 9.31 16.84
N ARG A 131 17.13 9.97 17.43
CA ARG A 131 17.26 10.01 18.88
C ARG A 131 16.47 11.18 19.47
N CYS A 132 16.14 11.06 20.75
CA CYS A 132 15.29 12.04 21.41
C CYS A 132 15.43 11.91 22.93
N GLY A 133 14.77 12.82 23.65
CA GLY A 133 14.57 12.67 25.09
C GLY A 133 15.82 12.96 25.90
N ARG A 134 15.94 12.29 27.03
CA ARG A 134 17.06 12.51 27.93
C ARG A 134 18.32 11.81 27.42
N GLN A 135 18.17 11.05 26.35
CA GLN A 135 19.31 10.38 25.72
C GLN A 135 19.91 11.25 24.62
N ALA A 136 19.20 12.32 24.27
CA ALA A 136 19.62 13.17 23.17
C ALA A 136 19.40 14.64 23.49
N ASP A 137 19.61 14.99 24.75
CA ASP A 137 19.60 16.40 25.16
C ASP A 137 18.19 16.97 25.14
N GLY A 138 17.20 16.11 25.36
CA GLY A 138 15.80 16.53 25.39
C GLY A 138 15.28 16.88 24.00
N ALA A 139 15.96 16.39 22.97
CA ALA A 139 15.54 16.62 21.60
C ALA A 139 14.16 16.05 21.37
N LYS A 140 13.36 16.74 20.54
CA LYS A 140 12.00 16.32 20.27
C LYS A 140 11.94 15.47 19.00
N CYS A 141 10.92 14.63 18.92
CA CYS A 141 10.67 13.84 17.72
C CYS A 141 9.89 14.67 16.70
N THR A 142 10.12 14.42 15.42
CA THR A 142 9.32 15.01 14.36
C THR A 142 8.06 14.18 14.12
N ASN A 143 7.12 14.78 13.37
CA ASN A 143 5.93 14.06 12.89
C ASN A 143 4.99 13.68 14.03
N ASN A 144 5.18 14.31 15.18
CA ASN A 144 4.37 14.01 16.37
C ASN A 144 4.49 12.53 16.74
N TYR A 145 5.66 11.95 16.51
CA TYR A 145 5.96 10.61 16.99
C TYR A 145 6.20 10.65 18.49
N CYS A 146 6.29 9.47 19.08
CA CYS A 146 6.59 9.35 20.51
C CYS A 146 8.08 9.14 20.71
N CYS A 147 8.60 9.67 21.81
CA CYS A 147 9.95 9.35 22.23
C CYS A 147 9.94 8.21 23.24
N GLY A 148 10.50 7.07 22.82
CA GLY A 148 10.49 5.87 23.65
C GLY A 148 11.38 6.03 24.88
N ALA A 149 11.32 5.04 25.78
CA ALA A 149 12.09 5.07 27.01
C ALA A 149 13.59 5.13 26.71
N SER A 150 14.00 4.49 25.62
CA SER A 150 15.42 4.37 25.28
C SER A 150 15.88 5.52 24.40
N GLY A 151 14.99 6.49 24.18
CA GLY A 151 15.34 7.70 23.43
C GLY A 151 15.37 7.47 21.94
N TYR A 152 14.43 6.68 21.44
CA TYR A 152 14.23 6.52 20.01
C TYR A 152 12.85 6.97 19.62
N CYS A 153 12.75 7.65 18.48
CA CYS A 153 11.49 8.16 17.97
C CYS A 153 10.74 7.04 17.24
N GLY A 154 9.45 6.89 17.56
CA GLY A 154 8.60 5.96 16.84
C GLY A 154 7.16 6.03 17.28
N LEU A 155 6.38 5.08 16.78
CA LEU A 155 4.98 4.96 17.13
C LEU A 155 4.69 3.51 17.47
N GLY A 156 3.55 3.28 18.11
CA GLY A 156 3.23 1.96 18.61
C GLY A 156 3.53 1.88 20.09
N GLY A 157 3.10 0.78 20.72
CA GLY A 157 3.17 0.66 22.18
C GLY A 157 4.56 0.83 22.75
N ASP A 158 5.56 0.35 22.02
CA ASP A 158 6.94 0.35 22.53
C ASP A 158 7.47 1.77 22.71
N TYR A 159 6.91 2.72 21.96
CA TYR A 159 7.39 4.08 21.99
C TYR A 159 6.41 5.03 22.69
N CYS A 160 5.12 4.74 22.55
CA CYS A 160 4.09 5.61 23.10
C CYS A 160 3.60 5.10 24.46
N GLY A 161 3.91 3.84 24.75
CA GLY A 161 3.47 3.21 26.00
C GLY A 161 4.32 3.58 27.19
N ALA A 162 4.53 2.63 28.08
CA ALA A 162 5.28 2.86 29.30
C ALA A 162 6.68 3.36 28.98
N GLY A 163 7.10 4.42 29.67
CA GLY A 163 8.44 4.97 29.51
C GLY A 163 8.47 6.13 28.53
N CYS A 164 7.35 6.36 27.85
CA CYS A 164 7.25 7.43 26.86
C CYS A 164 7.66 8.77 27.46
N GLN A 165 8.54 9.49 26.77
CA GLN A 165 9.10 10.74 27.29
C GLN A 165 8.35 11.96 26.76
N SER A 166 8.04 11.93 25.47
CA SER A 166 7.41 13.08 24.81
C SER A 166 6.59 12.64 23.60
N GLY A 167 5.84 13.58 23.05
CA GLY A 167 4.89 13.27 21.98
C GLY A 167 3.56 12.82 22.55
N PRO A 168 2.71 12.24 21.69
CA PRO A 168 1.38 11.78 22.10
C PRO A 168 1.44 10.50 22.93
N CYS A 169 2.13 10.56 24.07
CA CYS A 169 2.24 9.41 24.98
C CYS A 169 0.85 8.98 25.45
N THR A 170 0.75 7.71 25.86
CA THR A 170 -0.50 7.19 26.42
C THR A 170 -1.70 7.89 25.80
N ALA B 1 -6.68 -8.20 18.46
CA ALA B 1 -5.43 -7.80 19.18
C ALA B 1 -4.31 -7.47 18.20
N TYR B 2 -3.83 -8.49 17.50
CA TYR B 2 -2.84 -8.29 16.43
C TYR B 2 -3.42 -7.40 15.36
N GLU B 3 -2.56 -6.70 14.64
CA GLU B 3 -3.02 -5.71 13.66
C GLU B 3 -2.65 -6.07 12.25
N CYS B 4 -1.56 -6.82 12.09
CA CYS B 4 -0.92 -6.94 10.79
C CYS B 4 -0.07 -8.19 10.69
N GLY B 5 0.36 -8.49 9.48
CA GLY B 5 1.35 -9.53 9.25
C GLY B 5 0.79 -10.91 9.48
N LYS B 6 1.67 -11.88 9.64
CA LYS B 6 1.24 -13.27 9.79
C LYS B 6 0.24 -13.43 10.93
N GLN B 7 0.45 -12.68 12.01
CA GLN B 7 -0.39 -12.82 13.20
C GLN B 7 -1.71 -12.14 13.00
N GLY B 8 -1.74 -11.17 12.09
CA GLY B 8 -2.93 -10.37 11.84
C GLY B 8 -3.58 -10.69 10.50
N GLY B 9 -3.48 -11.96 10.09
CA GLY B 9 -4.23 -12.46 8.92
C GLY B 9 -3.78 -11.85 7.61
N GLY B 10 -2.56 -11.30 7.60
CA GLY B 10 -1.95 -10.80 6.37
C GLY B 10 -2.29 -9.35 6.09
N ALA B 11 -2.92 -8.70 7.06
CA ALA B 11 -3.27 -7.30 6.93
C ALA B 11 -2.03 -6.41 6.82
N LEU B 12 -2.21 -5.26 6.20
CA LEU B 12 -1.19 -4.24 6.18
C LEU B 12 -1.55 -3.11 7.12
N CYS B 13 -0.55 -2.40 7.60
CA CYS B 13 -0.78 -1.21 8.39
C CYS B 13 -1.09 -0.05 7.48
N PRO B 14 -1.83 0.94 8.00
CA PRO B 14 -2.07 2.14 7.21
C PRO B 14 -0.91 3.13 7.24
N ASN B 15 -0.84 3.97 6.21
CA ASN B 15 0.11 5.07 6.16
C ASN B 15 1.54 4.61 6.38
N ASN B 16 1.87 3.49 5.76
CA ASN B 16 3.24 2.99 5.71
C ASN B 16 3.83 2.62 7.07
N LYS B 17 2.98 2.54 8.08
CA LYS B 17 3.42 2.01 9.36
C LYS B 17 4.02 0.63 9.18
N CYS B 18 5.09 0.37 9.92
CA CYS B 18 5.77 -0.92 9.85
C CYS B 18 5.04 -1.95 10.68
N CYS B 19 4.96 -3.16 10.15
CA CYS B 19 4.45 -4.28 10.90
C CYS B 19 5.60 -4.98 11.56
N SER B 20 5.59 -5.02 12.88
CA SER B 20 6.67 -5.61 13.65
C SER B 20 6.69 -7.11 13.46
N ARG B 21 7.74 -7.75 13.97
CA ARG B 21 7.86 -9.20 13.93
C ARG B 21 6.76 -9.87 14.77
N TYR B 22 6.06 -9.10 15.60
CA TYR B 22 5.02 -9.65 16.47
C TYR B 22 3.61 -9.35 15.98
N GLY B 23 3.50 -8.60 14.88
CA GLY B 23 2.21 -8.36 14.26
C GLY B 23 1.50 -7.13 14.80
N TYR B 24 2.28 -6.09 15.14
CA TYR B 24 1.71 -4.80 15.53
C TYR B 24 2.27 -3.66 14.68
N CYS B 25 1.49 -2.58 14.54
CA CYS B 25 1.85 -1.45 13.68
C CYS B 25 2.59 -0.35 14.47
N GLY B 26 3.63 0.21 13.86
CA GLY B 26 4.38 1.31 14.48
C GLY B 26 5.52 1.81 13.62
N PHE B 27 6.33 2.69 14.20
CA PHE B 27 7.57 3.16 13.57
C PHE B 27 8.71 3.07 14.58
N GLY B 28 9.94 3.19 14.09
CA GLY B 28 11.11 3.01 14.95
C GLY B 28 11.65 1.59 14.88
N PRO B 29 12.82 1.37 15.49
CA PRO B 29 13.53 0.10 15.26
C PRO B 29 12.72 -1.15 15.66
N ALA B 30 11.89 -1.05 16.68
CA ALA B 30 11.13 -2.21 17.17
C ALA B 30 10.15 -2.73 16.12
N TYR B 31 9.70 -1.83 15.24
CA TYR B 31 8.70 -2.17 14.25
C TYR B 31 9.33 -2.31 12.86
N CYS B 32 10.22 -1.38 12.51
CA CYS B 32 10.74 -1.31 11.15
C CYS B 32 12.04 -2.07 10.97
N GLY B 33 12.65 -2.47 12.09
CA GLY B 33 13.93 -3.18 12.05
C GLY B 33 13.79 -4.67 11.83
N THR B 34 14.65 -5.45 12.49
CA THR B 34 14.69 -6.88 12.25
C THR B 34 13.31 -7.53 12.46
N GLY B 35 12.87 -8.26 11.45
CA GLY B 35 11.61 -8.97 11.53
C GLY B 35 10.43 -8.19 10.97
N CYS B 36 10.68 -6.94 10.58
CA CYS B 36 9.63 -6.12 9.94
C CYS B 36 8.98 -6.88 8.80
N GLN B 37 7.65 -6.94 8.79
CA GLN B 37 6.91 -7.78 7.84
C GLN B 37 6.37 -6.98 6.66
N SER B 38 6.16 -5.68 6.87
CA SER B 38 5.58 -4.83 5.85
C SER B 38 5.63 -3.38 6.30
N GLY B 39 5.23 -2.47 5.41
CA GLY B 39 5.35 -1.05 5.67
C GLY B 39 6.72 -0.51 5.33
N GLY B 40 7.08 0.59 5.96
CA GLY B 40 8.37 1.26 5.69
C GLY B 40 9.52 0.66 6.47
N CYS B 41 9.79 -0.62 6.22
CA CYS B 41 10.86 -1.31 6.93
C CYS B 41 12.18 -0.63 6.63
N CYS B 42 13.08 -0.68 7.59
CA CYS B 42 14.44 -0.18 7.43
C CYS B 42 15.45 -1.17 7.99
N PRO B 43 16.22 -1.80 7.10
CA PRO B 43 16.19 -1.59 5.65
C PRO B 43 14.91 -2.14 5.01
N GLY B 44 14.66 -1.75 3.77
CA GLY B 44 13.51 -2.27 3.04
C GLY B 44 13.56 -3.78 2.92
N LYS B 45 12.38 -4.40 2.87
CA LYS B 45 12.29 -5.84 2.67
C LYS B 45 12.95 -6.22 1.34
N ARG B 46 13.49 -7.43 1.29
CA ARG B 46 14.06 -7.95 0.05
C ARG B 46 12.94 -8.28 -0.92
N CYS B 47 13.23 -8.16 -2.20
CA CYS B 47 12.19 -8.29 -3.22
C CYS B 47 12.79 -8.64 -4.59
N GLY B 48 11.93 -9.05 -5.51
CA GLY B 48 12.34 -9.33 -6.87
C GLY B 48 13.36 -10.44 -6.96
N ASP B 49 14.39 -10.24 -7.77
CA ASP B 49 15.37 -11.28 -8.04
C ASP B 49 16.22 -11.58 -6.80
N GLN B 50 15.95 -10.88 -5.71
CA GLN B 50 16.65 -11.11 -4.46
C GLN B 50 15.72 -11.70 -3.40
N ALA B 51 14.51 -12.08 -3.81
CA ALA B 51 13.53 -12.65 -2.89
C ALA B 51 12.61 -13.63 -3.61
N ASN B 52 13.18 -14.40 -4.52
CA ASN B 52 12.43 -15.45 -5.20
C ASN B 52 11.18 -14.88 -5.90
N GLY B 53 11.28 -13.62 -6.33
CA GLY B 53 10.23 -13.01 -7.13
C GLY B 53 9.14 -12.35 -6.30
N GLU B 54 9.30 -12.40 -4.98
CA GLU B 54 8.33 -11.78 -4.07
C GLU B 54 8.24 -10.28 -4.33
N THR B 55 7.03 -9.75 -4.37
CA THR B 55 6.84 -8.31 -4.55
C THR B 55 6.81 -7.60 -3.19
N CYS B 56 7.05 -6.28 -3.22
CA CYS B 56 7.02 -5.48 -2.00
C CYS B 56 5.62 -5.33 -1.48
N PRO B 57 5.44 -5.44 -0.16
CA PRO B 57 4.15 -5.13 0.45
C PRO B 57 3.83 -3.63 0.39
N ASN B 58 2.54 -3.30 0.36
CA ASN B 58 2.09 -1.91 0.41
C ASN B 58 2.44 -1.13 -0.88
N ASN B 59 2.61 -1.85 -2.00
CA ASN B 59 2.94 -1.21 -3.28
C ASN B 59 4.21 -0.37 -3.21
N LEU B 60 5.18 -0.80 -2.41
CA LEU B 60 6.49 -0.19 -2.48
C LEU B 60 7.19 -0.60 -3.77
N CYS B 61 8.17 0.18 -4.20
CA CYS B 61 8.96 -0.15 -5.38
C CYS B 61 10.11 -1.08 -5.00
N CYS B 62 10.40 -2.02 -5.89
CA CYS B 62 11.55 -2.89 -5.72
C CYS B 62 12.72 -2.38 -6.54
N SER B 63 13.78 -1.94 -5.84
CA SER B 63 14.95 -1.37 -6.51
C SER B 63 15.67 -2.44 -7.34
N GLU B 64 16.68 -2.00 -8.09
CA GLU B 64 17.48 -2.93 -8.88
C GLU B 64 18.32 -3.82 -7.97
N ASP B 65 18.54 -3.36 -6.74
CA ASP B 65 19.32 -4.11 -5.75
C ASP B 65 18.44 -5.04 -4.92
N GLY B 66 17.13 -5.00 -5.15
CA GLY B 66 16.22 -5.94 -4.52
C GLY B 66 15.79 -5.51 -3.12
N TYR B 67 15.65 -4.20 -2.92
CA TYR B 67 15.11 -3.68 -1.68
C TYR B 67 13.85 -2.88 -1.93
N CYS B 68 12.95 -2.87 -0.94
CA CYS B 68 11.68 -2.19 -1.04
C CYS B 68 11.77 -0.76 -0.51
N GLY B 69 11.25 0.19 -1.29
CA GLY B 69 11.28 1.59 -0.90
C GLY B 69 10.56 2.48 -1.91
N PHE B 70 10.75 3.79 -1.76
CA PHE B 70 10.20 4.76 -2.69
C PHE B 70 11.27 5.77 -3.02
N GLY B 71 11.05 6.52 -4.09
CA GLY B 71 12.03 7.50 -4.55
C GLY B 71 12.74 7.05 -5.79
N SER B 72 13.51 7.96 -6.38
CA SER B 72 14.19 7.68 -7.64
C SER B 72 14.96 6.36 -7.58
N GLU B 73 15.62 6.12 -6.46
CA GLU B 73 16.50 4.97 -6.33
C GLU B 73 15.74 3.65 -6.38
N TYR B 74 14.44 3.72 -6.07
CA TYR B 74 13.62 2.51 -5.96
C TYR B 74 12.65 2.37 -7.13
N CYS B 75 11.99 3.47 -7.50
CA CYS B 75 10.96 3.44 -8.56
C CYS B 75 11.54 3.80 -9.92
N GLY B 76 12.70 4.44 -9.91
CA GLY B 76 13.28 4.95 -11.16
C GLY B 76 14.05 3.88 -11.90
N ALA B 77 15.21 4.27 -12.43
CA ALA B 77 16.05 3.34 -13.18
C ALA B 77 16.27 2.05 -12.41
N GLY B 78 16.03 0.93 -13.06
CA GLY B 78 16.35 -0.39 -12.49
C GLY B 78 15.23 -0.99 -11.67
N CYS B 79 14.17 -0.22 -11.45
CA CYS B 79 13.00 -0.70 -10.71
C CYS B 79 12.51 -2.00 -11.33
N GLN B 80 12.22 -2.98 -10.49
CA GLN B 80 11.79 -4.30 -10.98
C GLN B 80 10.44 -4.73 -10.41
N GLY B 81 9.75 -3.81 -9.77
CA GLY B 81 8.46 -4.13 -9.15
C GLY B 81 7.81 -2.94 -8.49
N GLY B 82 6.51 -3.06 -8.24
CA GLY B 82 5.74 -1.97 -7.67
C GLY B 82 5.48 -0.88 -8.69
N PRO B 83 5.21 0.34 -8.20
CA PRO B 83 4.85 1.45 -9.08
C PRO B 83 6.06 2.11 -9.72
N CYS B 84 6.84 1.33 -10.46
CA CYS B 84 7.96 1.87 -11.19
C CYS B 84 7.50 3.04 -12.04
N ARG B 85 8.43 3.90 -12.41
CA ARG B 85 8.11 5.11 -13.17
C ARG B 85 7.84 4.78 -14.64
N ALA B 86 8.36 3.64 -15.08
CA ALA B 86 8.13 3.19 -16.45
C ALA B 86 6.74 2.61 -16.59
N ASP B 87 6.12 2.80 -17.76
CA ASP B 87 4.86 2.13 -18.05
C ASP B 87 5.08 0.64 -18.07
N LYS B 88 4.07 -0.09 -17.62
CA LYS B 88 4.14 -1.55 -17.57
C LYS B 88 3.16 -2.15 -18.56
N LEU B 89 3.68 -2.88 -19.54
CA LEU B 89 2.85 -3.48 -20.58
C LEU B 89 2.24 -4.79 -20.11
N CYS B 90 1.15 -5.19 -20.75
CA CYS B 90 0.49 -6.45 -20.45
C CYS B 90 -0.36 -6.90 -21.63
N GLY B 91 -0.93 -8.09 -21.54
CA GLY B 91 -1.76 -8.63 -22.62
C GLY B 91 -2.35 -9.98 -22.27
N GLN B 97 -0.08 -12.56 -20.42
CA GLN B 97 0.85 -11.73 -19.69
C GLN B 97 0.11 -10.86 -18.67
N LEU B 98 -0.14 -11.41 -17.49
CA LEU B 98 -0.87 -10.72 -16.44
C LEU B 98 -0.05 -9.58 -15.86
N CYS B 99 -0.71 -8.64 -15.20
CA CYS B 99 -0.03 -7.63 -14.40
C CYS B 99 0.27 -8.18 -13.02
N PRO B 100 1.29 -7.64 -12.35
CA PRO B 100 1.57 -8.09 -10.99
C PRO B 100 0.60 -7.48 -9.96
N ASP B 101 0.44 -8.15 -8.81
CA ASP B 101 -0.23 -7.55 -7.66
C ASP B 101 -1.68 -7.17 -7.98
N ASN B 102 -2.31 -7.97 -8.84
CA ASN B 102 -3.72 -7.79 -9.19
C ASN B 102 -4.01 -6.48 -9.92
N LEU B 103 -2.98 -5.82 -10.44
CA LEU B 103 -3.21 -4.65 -11.27
C LEU B 103 -4.03 -5.02 -12.50
N CYS B 104 -4.90 -4.10 -12.92
CA CYS B 104 -5.72 -4.31 -14.10
C CYS B 104 -4.90 -4.14 -15.36
N CYS B 105 -5.09 -5.07 -16.29
CA CYS B 105 -4.58 -4.91 -17.64
C CYS B 105 -5.63 -4.24 -18.53
N SER B 106 -5.36 -3.00 -18.91
CA SER B 106 -6.33 -2.24 -19.67
C SER B 106 -6.52 -2.84 -21.06
N GLN B 107 -7.60 -2.47 -21.72
CA GLN B 107 -7.87 -2.90 -23.08
C GLN B 107 -6.71 -2.57 -24.01
N TRP B 108 -5.91 -1.58 -23.63
CA TRP B 108 -4.79 -1.13 -24.46
C TRP B 108 -3.50 -1.84 -24.12
N GLY B 109 -3.53 -2.69 -23.08
CA GLY B 109 -2.34 -3.44 -22.68
C GLY B 109 -1.37 -2.64 -21.82
N PHE B 110 -1.91 -1.84 -20.91
CA PHE B 110 -1.10 -1.25 -19.83
C PHE B 110 -1.63 -1.68 -18.47
N CYS B 111 -0.73 -1.82 -17.51
CA CYS B 111 -1.10 -2.16 -16.13
C CYS B 111 -1.40 -0.90 -15.32
N GLY B 112 -2.43 -0.99 -14.49
CA GLY B 112 -2.78 0.10 -13.58
C GLY B 112 -3.96 -0.22 -12.69
N LEU B 113 -4.48 0.81 -12.04
CA LEU B 113 -5.72 0.72 -11.29
C LEU B 113 -6.51 1.99 -11.54
N GLY B 114 -7.81 1.95 -11.25
CA GLY B 114 -8.71 3.01 -11.67
C GLY B 114 -9.44 2.64 -12.94
N VAL B 115 -10.49 3.38 -13.25
CA VAL B 115 -11.44 2.99 -14.30
C VAL B 115 -10.76 2.80 -15.66
N GLU B 116 -9.76 3.62 -15.95
CA GLU B 116 -9.11 3.57 -17.27
C GLU B 116 -8.42 2.24 -17.51
N PHE B 117 -8.16 1.52 -16.41
CA PHE B 117 -7.52 0.21 -16.48
C PHE B 117 -8.51 -0.91 -16.16
N CYS B 118 -9.34 -0.68 -15.16
CA CYS B 118 -10.16 -1.75 -14.59
C CYS B 118 -11.57 -1.74 -15.16
N GLY B 119 -11.90 -0.69 -15.92
CA GLY B 119 -13.25 -0.51 -16.44
C GLY B 119 -13.44 -1.22 -17.77
N ASP B 120 -14.18 -0.57 -18.67
CA ASP B 120 -14.50 -1.15 -19.96
C ASP B 120 -13.25 -1.68 -20.67
N GLY B 121 -13.28 -2.96 -21.01
CA GLY B 121 -12.22 -3.55 -21.81
C GLY B 121 -11.10 -4.15 -20.96
N CYS B 122 -11.24 -4.04 -19.63
CA CYS B 122 -10.27 -4.63 -18.72
C CYS B 122 -10.09 -6.11 -19.05
N GLN B 123 -8.84 -6.53 -19.22
CA GLN B 123 -8.55 -7.88 -19.68
C GLN B 123 -8.36 -8.83 -18.50
N SER B 124 -7.75 -8.33 -17.44
CA SER B 124 -7.39 -9.16 -16.31
C SER B 124 -7.06 -8.31 -15.09
N GLY B 125 -6.74 -8.97 -13.99
CA GLY B 125 -6.56 -8.29 -12.73
C GLY B 125 -7.87 -7.85 -12.13
N ALA B 126 -7.82 -6.80 -11.30
CA ALA B 126 -8.95 -6.37 -10.48
C ALA B 126 -10.00 -5.59 -11.31
N CYS B 127 -10.51 -6.22 -12.36
CA CYS B 127 -11.47 -5.57 -13.23
C CYS B 127 -12.74 -5.18 -12.46
N CYS B 128 -13.28 -4.00 -12.79
CA CYS B 128 -14.50 -3.49 -12.18
C CYS B 128 -15.66 -4.47 -12.31
N SER B 129 -15.88 -4.93 -13.53
CA SER B 129 -17.09 -5.69 -13.84
C SER B 129 -16.87 -6.58 -15.03
N MET B 130 -16.08 -7.62 -14.82
CA MET B 130 -15.84 -8.63 -15.83
C MET B 130 -16.83 -9.76 -15.64
N ARG B 131 -17.66 -10.00 -16.66
CA ARG B 131 -18.71 -10.99 -16.55
C ARG B 131 -18.15 -12.40 -16.70
N CYS B 132 -18.89 -13.36 -16.19
CA CYS B 132 -18.46 -14.74 -16.20
C CYS B 132 -19.64 -15.66 -15.98
N GLY B 133 -19.40 -16.96 -16.12
CA GLY B 133 -20.38 -17.97 -15.72
C GLY B 133 -21.58 -18.01 -16.64
N ARG B 134 -22.68 -18.54 -16.12
CA ARG B 134 -23.88 -18.74 -16.90
C ARG B 134 -24.35 -17.44 -17.55
N GLN B 135 -24.23 -16.33 -16.83
CA GLN B 135 -24.61 -15.02 -17.36
C GLN B 135 -23.72 -14.59 -18.55
N ALA B 136 -22.54 -15.20 -18.67
CA ALA B 136 -21.60 -14.85 -19.75
C ALA B 136 -21.28 -16.07 -20.63
N ASP B 137 -22.26 -16.94 -20.81
CA ASP B 137 -22.10 -18.11 -21.67
C ASP B 137 -20.91 -18.97 -21.28
N GLY B 138 -20.62 -19.00 -19.99
CA GLY B 138 -19.65 -19.94 -19.44
C GLY B 138 -18.25 -19.37 -19.42
N ALA B 139 -18.12 -18.11 -19.82
CA ALA B 139 -16.83 -17.42 -19.79
C ALA B 139 -16.12 -17.65 -18.45
N LYS B 140 -14.80 -17.76 -18.50
CA LYS B 140 -14.01 -18.02 -17.32
C LYS B 140 -13.35 -16.73 -16.83
N CYS B 141 -13.12 -16.64 -15.53
CA CYS B 141 -12.39 -15.52 -14.96
C CYS B 141 -10.90 -15.71 -15.13
N THR B 142 -10.16 -14.61 -15.11
CA THR B 142 -8.72 -14.66 -15.11
C THR B 142 -8.18 -14.63 -13.68
N ASN B 143 -6.86 -14.81 -13.55
CA ASN B 143 -6.18 -14.62 -12.27
C ASN B 143 -6.62 -15.62 -11.23
N ASN B 144 -7.30 -16.68 -11.68
CA ASN B 144 -7.86 -17.66 -10.77
C ASN B 144 -8.82 -17.00 -9.78
N TYR B 145 -9.52 -15.96 -10.25
CA TYR B 145 -10.62 -15.39 -9.50
C TYR B 145 -11.83 -16.33 -9.51
N CYS B 146 -12.79 -16.07 -8.64
CA CYS B 146 -14.02 -16.85 -8.58
C CYS B 146 -15.12 -16.12 -9.33
N CYS B 147 -15.91 -16.87 -10.07
CA CYS B 147 -17.14 -16.33 -10.64
C CYS B 147 -18.25 -16.40 -9.60
N GLY B 148 -18.76 -15.24 -9.21
CA GLY B 148 -19.83 -15.17 -8.23
C GLY B 148 -21.15 -15.64 -8.80
N ALA B 149 -22.18 -15.71 -7.95
CA ALA B 149 -23.48 -16.24 -8.35
C ALA B 149 -24.10 -15.41 -9.46
N SER B 150 -23.92 -14.10 -9.39
CA SER B 150 -24.59 -13.18 -10.33
C SER B 150 -23.74 -12.92 -11.59
N GLY B 151 -22.60 -13.57 -11.67
CA GLY B 151 -21.83 -13.63 -12.92
C GLY B 151 -20.83 -12.49 -13.07
N TYR B 152 -20.20 -12.10 -11.96
CA TYR B 152 -19.05 -11.20 -12.00
C TYR B 152 -17.83 -11.88 -11.42
N CYS B 153 -16.66 -11.56 -11.95
CA CYS B 153 -15.41 -12.08 -11.43
C CYS B 153 -14.97 -11.29 -10.20
N GLY B 154 -14.44 -12.00 -9.22
CA GLY B 154 -13.92 -11.38 -8.01
C GLY B 154 -13.29 -12.38 -7.06
N LEU B 155 -12.86 -11.86 -5.91
CA LEU B 155 -12.32 -12.70 -4.84
C LEU B 155 -13.02 -12.33 -3.55
N GLY B 156 -12.87 -13.19 -2.55
CA GLY B 156 -13.53 -12.99 -1.27
C GLY B 156 -14.75 -13.85 -1.14
N GLY B 157 -15.38 -13.78 0.03
CA GLY B 157 -16.54 -14.61 0.33
C GLY B 157 -17.70 -14.41 -0.63
N ASP B 158 -17.85 -13.20 -1.15
CA ASP B 158 -18.98 -12.87 -2.02
C ASP B 158 -18.89 -13.56 -3.37
N TYR B 159 -17.69 -13.99 -3.75
CA TYR B 159 -17.46 -14.57 -5.06
C TYR B 159 -17.02 -16.04 -4.98
N CYS B 160 -16.25 -16.37 -3.95
CA CYS B 160 -15.71 -17.72 -3.81
C CYS B 160 -16.57 -18.56 -2.88
N GLY B 161 -17.49 -17.90 -2.18
CA GLY B 161 -18.33 -18.58 -1.21
C GLY B 161 -19.57 -19.16 -1.83
N ALA B 162 -20.67 -19.11 -1.10
CA ALA B 162 -21.94 -19.63 -1.59
C ALA B 162 -22.23 -19.07 -2.97
N GLY B 163 -22.61 -19.96 -3.88
CA GLY B 163 -23.07 -19.54 -5.21
C GLY B 163 -21.94 -19.47 -6.24
N CYS B 164 -20.70 -19.63 -5.78
CA CYS B 164 -19.54 -19.56 -6.66
C CYS B 164 -19.68 -20.58 -7.80
N GLN B 165 -19.56 -20.10 -9.04
CA GLN B 165 -19.80 -20.92 -10.22
C GLN B 165 -18.53 -21.62 -10.71
N SER B 166 -17.42 -20.90 -10.62
CA SER B 166 -16.16 -21.36 -11.18
C SER B 166 -15.02 -20.59 -10.56
N GLY B 167 -13.79 -21.06 -10.79
CA GLY B 167 -12.64 -20.63 -10.01
C GLY B 167 -12.48 -21.46 -8.76
N PRO B 168 -11.60 -21.02 -7.84
CA PRO B 168 -11.35 -21.75 -6.60
C PRO B 168 -12.43 -21.51 -5.55
N CYS B 169 -13.66 -21.94 -5.86
CA CYS B 169 -14.74 -21.93 -4.87
C CYS B 169 -14.33 -22.72 -3.63
N THR B 170 -14.89 -22.35 -2.48
CA THR B 170 -14.62 -23.08 -1.24
C THR B 170 -15.71 -24.12 -0.97
#